data_7WET
#
_entry.id   7WET
#
_cell.length_a   64.625
_cell.length_b   78.360
_cell.length_c   81.202
_cell.angle_alpha   90.000
_cell.angle_beta   90.000
_cell.angle_gamma   90.000
#
_symmetry.space_group_name_H-M   'P 21 21 21'
#
loop_
_entity.id
_entity.type
_entity.pdbx_description
1 polymer Peroxiredoxin-1
2 non-polymer '(2R,4aS,6aS,12bR,14aS,14bR)-10-hydroxy-2,4a,6a,9,12b,14a-hexamethyl-11-oxo-1,2,3,4,4a,5,6,6a,11,12b,13,14,14a,14b-tetradecahydropicene-2-carboxylic acid'
3 water water
#
_entity_poly.entity_id   1
_entity_poly.type   'polypeptide(L)'
_entity_poly.pdbx_seq_one_letter_code
;MSSGNAKIGHPAPNFKATAVMPDGQFKDISLSDYKGKYVVFFFYPLDFTFVSPTEIIAFSDRAEEFKKLNCQVIGASVDS
HFSHLAWVNTPKKQGGLGPMNIPLVSDPKRTIAQDYGVLKADEGISFRGLFIIDDKGILRQITVNDLPVGRSVDETLRLV
QAFQFTDKHGEVCPA
;
_entity_poly.pdbx_strand_id   A,B
#
# COMPACT_ATOMS: atom_id res chain seq x y z
N SER A 3 9.63 -8.34 -8.93
CA SER A 3 10.12 -9.59 -8.31
C SER A 3 9.48 -9.80 -6.94
N GLY A 4 9.67 -10.98 -6.39
CA GLY A 4 8.93 -11.41 -5.22
C GLY A 4 7.78 -12.34 -5.59
N ASN A 5 7.32 -13.08 -4.58
CA ASN A 5 6.26 -14.07 -4.75
C ASN A 5 4.98 -13.68 -3.99
N ALA A 6 4.88 -12.45 -3.52
CA ALA A 6 3.68 -12.01 -2.81
C ALA A 6 2.65 -11.59 -3.85
N LYS A 7 1.56 -12.35 -3.97
CA LYS A 7 0.49 -12.03 -4.91
C LYS A 7 -0.85 -12.04 -4.18
N ILE A 8 -1.66 -11.00 -4.43
CA ILE A 8 -2.98 -10.91 -3.81
C ILE A 8 -3.80 -12.14 -4.17
N GLY A 9 -4.46 -12.73 -3.17
CA GLY A 9 -5.33 -13.84 -3.40
C GLY A 9 -4.65 -15.18 -3.46
N HIS A 10 -3.33 -15.21 -3.32
CA HIS A 10 -2.55 -16.44 -3.23
C HIS A 10 -1.98 -16.56 -1.82
N PRO A 11 -1.58 -17.77 -1.41
CA PRO A 11 -0.92 -17.93 -0.11
C PRO A 11 0.26 -16.98 0.04
N ALA A 12 0.31 -16.29 1.17
CA ALA A 12 1.43 -15.42 1.47
C ALA A 12 2.70 -16.27 1.61
N PRO A 13 3.84 -15.80 1.11
CA PRO A 13 5.06 -16.61 1.22
C PRO A 13 5.36 -16.96 2.67
N ASN A 14 5.55 -18.26 2.92
CA ASN A 14 5.90 -18.67 4.27
C ASN A 14 7.36 -18.31 4.56
N PHE A 15 7.67 -18.24 5.85
CA PHE A 15 9.04 -18.02 6.30
C PHE A 15 9.20 -18.76 7.61
N LYS A 16 10.43 -19.10 7.94
CA LYS A 16 10.78 -19.58 9.26
C LYS A 16 12.03 -18.83 9.68
N ALA A 17 11.92 -18.07 10.78
CA ALA A 17 12.99 -17.16 11.12
C ALA A 17 13.06 -17.00 12.64
N THR A 18 14.23 -16.62 13.12
CA THR A 18 14.38 -16.30 14.53
C THR A 18 13.77 -14.94 14.82
N ALA A 19 12.92 -14.87 15.84
CA ALA A 19 12.31 -13.63 16.28
C ALA A 19 12.63 -13.37 17.73
N VAL A 20 12.67 -12.09 18.10
CA VAL A 20 12.68 -11.68 19.49
C VAL A 20 11.23 -11.54 19.92
N MET A 21 10.79 -12.40 20.84
CA MET A 21 9.40 -12.43 21.26
C MET A 21 9.13 -11.37 22.31
N PRO A 22 7.87 -11.04 22.58
CA PRO A 22 7.56 -10.04 23.61
C PRO A 22 8.15 -10.34 24.98
N ASP A 23 8.35 -11.61 25.33
CA ASP A 23 8.92 -11.90 26.64
C ASP A 23 10.43 -11.75 26.68
N GLY A 24 11.05 -11.30 25.59
CA GLY A 24 12.48 -11.10 25.55
C GLY A 24 13.29 -12.31 25.14
N GLN A 25 12.65 -13.42 24.80
CA GLN A 25 13.36 -14.62 24.40
C GLN A 25 13.38 -14.75 22.89
N PHE A 26 14.41 -15.43 22.40
CA PHE A 26 14.45 -15.82 21.01
C PHE A 26 13.52 -17.00 20.77
N LYS A 27 12.90 -17.03 19.59
CA LYS A 27 12.09 -18.17 19.20
C LYS A 27 12.05 -18.24 17.69
N ASP A 28 12.17 -19.44 17.14
CA ASP A 28 12.05 -19.61 15.70
C ASP A 28 10.56 -19.75 15.37
N ILE A 29 10.03 -18.82 14.57
CA ILE A 29 8.61 -18.81 14.26
C ILE A 29 8.39 -18.85 12.75
N SER A 30 7.21 -19.32 12.36
CA SER A 30 6.81 -19.37 10.97
C SER A 30 5.49 -18.64 10.78
N LEU A 31 5.32 -18.04 9.61
CA LEU A 31 4.04 -17.40 9.29
C LEU A 31 2.90 -18.39 9.47
N SER A 32 3.13 -19.65 9.09
CA SER A 32 2.10 -20.68 9.19
C SER A 32 1.72 -20.99 10.64
N ASP A 33 2.55 -20.60 11.62
CA ASP A 33 2.15 -20.72 13.01
C ASP A 33 0.87 -19.96 13.32
N TYR A 34 0.55 -18.96 12.52
CA TYR A 34 -0.55 -18.05 12.84
C TYR A 34 -1.79 -18.30 12.01
N LYS A 35 -1.86 -19.43 11.29
CA LYS A 35 -3.12 -19.84 10.69
C LYS A 35 -4.24 -19.82 11.72
N GLY A 36 -5.41 -19.37 11.29
CA GLY A 36 -6.51 -19.11 12.18
C GLY A 36 -6.60 -17.68 12.68
N LYS A 37 -5.59 -16.86 12.42
CA LYS A 37 -5.59 -15.45 12.77
C LYS A 37 -5.23 -14.63 11.54
N TYR A 38 -5.79 -13.42 11.46
CA TYR A 38 -5.22 -12.46 10.52
C TYR A 38 -3.81 -12.10 10.98
N VAL A 39 -2.96 -11.70 10.02
CA VAL A 39 -1.60 -11.27 10.34
C VAL A 39 -1.32 -9.96 9.62
N VAL A 40 -0.73 -9.00 10.35
CA VAL A 40 -0.10 -7.83 9.75
C VAL A 40 1.40 -8.07 9.86
N PHE A 41 2.06 -8.21 8.72
CA PHE A 41 3.49 -8.50 8.65
C PHE A 41 4.15 -7.30 8.01
N PHE A 42 5.04 -6.62 8.75
CA PHE A 42 5.61 -5.39 8.23
C PHE A 42 7.13 -5.39 8.38
N PHE A 43 7.79 -4.85 7.36
CA PHE A 43 9.25 -4.71 7.31
C PHE A 43 9.64 -3.27 7.62
N TYR A 44 10.85 -3.10 8.16
CA TYR A 44 11.44 -1.78 8.31
C TYR A 44 12.91 -1.91 7.95
N PRO A 45 13.56 -0.82 7.52
CA PRO A 45 14.88 -0.97 6.89
C PRO A 45 15.98 -1.51 7.82
N LEU A 46 16.21 -0.92 8.98
CA LEU A 46 17.21 -1.48 9.88
C LEU A 46 17.01 -0.90 11.28
N ASP A 47 17.67 -1.55 12.24
CA ASP A 47 17.55 -1.19 13.64
C ASP A 47 18.30 0.11 13.95
N PHE A 48 17.94 0.72 15.08
CA PHE A 48 18.66 1.87 15.64
C PHE A 48 18.61 3.08 14.71
N THR A 49 17.44 3.31 14.11
CA THR A 49 17.22 4.43 13.20
C THR A 49 16.20 5.38 13.82
N PHE A 50 15.75 6.36 13.03
CA PHE A 50 14.95 7.48 13.53
C PHE A 50 13.46 7.32 13.25
N VAL A 51 13.08 6.92 12.04
CA VAL A 51 11.66 6.81 11.70
C VAL A 51 11.11 5.46 12.14
N SER A 52 11.88 4.39 11.90
CA SER A 52 11.42 3.04 12.21
C SER A 52 10.98 2.83 13.66
N PRO A 53 11.69 3.32 14.70
CA PRO A 53 11.21 3.06 16.07
C PRO A 53 9.85 3.65 16.34
N THR A 54 9.53 4.80 15.74
CA THR A 54 8.22 5.39 15.98
C THR A 54 7.11 4.50 15.42
N GLU A 55 7.35 3.87 14.27
CA GLU A 55 6.39 2.92 13.72
C GLU A 55 6.27 1.68 14.59
N ILE A 56 7.41 1.09 14.94
CA ILE A 56 7.40 -0.16 15.70
C ILE A 56 6.70 0.04 17.04
N ILE A 57 7.06 1.12 17.74
CA ILE A 57 6.46 1.40 19.05
C ILE A 57 4.96 1.66 18.90
N ALA A 58 4.55 2.31 17.80
CA ALA A 58 3.12 2.55 17.60
C ALA A 58 2.35 1.25 17.45
N PHE A 59 2.88 0.32 16.66
CA PHE A 59 2.20 -0.97 16.52
C PHE A 59 2.23 -1.75 17.82
N SER A 60 3.36 -1.71 18.53
CA SER A 60 3.45 -2.44 19.79
C SER A 60 2.49 -1.85 20.82
N ASP A 61 2.49 -0.52 20.96
CA ASP A 61 1.62 0.16 21.93
C ASP A 61 0.15 -0.17 21.69
N ARG A 62 -0.24 -0.35 20.43
CA ARG A 62 -1.62 -0.52 20.06
C ARG A 62 -1.95 -1.97 19.73
N ALA A 63 -1.11 -2.91 20.20
CA ALA A 63 -1.30 -4.33 19.88
C ALA A 63 -2.65 -4.84 20.35
N GLU A 64 -3.17 -4.32 21.47
CA GLU A 64 -4.48 -4.77 21.95
C GLU A 64 -5.58 -4.54 20.91
N GLU A 65 -5.48 -3.46 20.14
CA GLU A 65 -6.51 -3.18 19.14
C GLU A 65 -6.48 -4.21 18.03
N PHE A 66 -5.30 -4.76 17.73
CA PHE A 66 -5.22 -5.86 16.78
C PHE A 66 -5.67 -7.17 17.40
N LYS A 67 -5.32 -7.40 18.67
CA LYS A 67 -5.78 -8.61 19.36
C LYS A 67 -7.30 -8.71 19.35
N LYS A 68 -7.99 -7.57 19.51
CA LYS A 68 -9.44 -7.56 19.49
C LYS A 68 -10.00 -7.94 18.13
N LEU A 69 -9.20 -7.81 17.07
CA LEU A 69 -9.57 -8.25 15.73
C LEU A 69 -9.02 -9.62 15.41
N ASN A 70 -8.56 -10.38 16.41
CA ASN A 70 -7.96 -11.70 16.18
C ASN A 70 -6.82 -11.59 15.19
N CYS A 71 -5.97 -10.58 15.35
CA CYS A 71 -4.95 -10.27 14.36
C CYS A 71 -3.61 -10.18 15.05
N GLN A 72 -2.63 -10.95 14.58
CA GLN A 72 -1.26 -10.90 15.09
C GLN A 72 -0.45 -9.90 14.28
N VAL A 73 0.33 -9.07 14.96
CA VAL A 73 1.23 -8.14 14.28
C VAL A 73 2.66 -8.66 14.44
N ILE A 74 3.42 -8.63 13.35
CA ILE A 74 4.80 -9.12 13.34
C ILE A 74 5.65 -8.12 12.55
N GLY A 75 6.74 -7.62 13.16
CA GLY A 75 7.67 -6.76 12.47
C GLY A 75 8.91 -7.53 12.05
N ALA A 76 9.70 -6.97 11.12
CA ALA A 76 10.85 -7.69 10.58
C ALA A 76 11.85 -6.73 9.95
N SER A 77 13.14 -7.07 10.07
CA SER A 77 14.19 -6.40 9.31
C SER A 77 15.33 -7.38 9.08
N VAL A 78 16.30 -6.96 8.27
CA VAL A 78 17.45 -7.82 7.97
C VAL A 78 18.45 -7.88 9.12
N ASP A 79 18.28 -7.09 10.16
CA ASP A 79 19.23 -7.12 11.28
C ASP A 79 19.19 -8.44 12.01
N SER A 80 20.29 -8.74 12.69
CA SER A 80 20.39 -9.94 13.49
C SER A 80 19.42 -9.92 14.67
N HIS A 81 19.15 -11.12 15.20
CA HIS A 81 18.25 -11.20 16.35
C HIS A 81 18.90 -10.61 17.60
N PHE A 82 20.24 -10.63 17.69
CA PHE A 82 20.91 -9.90 18.77
C PHE A 82 20.69 -8.40 18.65
N SER A 83 20.76 -7.86 17.43
CA SER A 83 20.53 -6.42 17.25
C SER A 83 19.12 -6.06 17.70
N HIS A 84 18.12 -6.85 17.30
CA HIS A 84 16.75 -6.62 17.77
C HIS A 84 16.69 -6.58 19.29
N LEU A 85 17.31 -7.57 19.94
CA LEU A 85 17.22 -7.69 21.39
C LEU A 85 17.91 -6.51 22.08
N ALA A 86 19.06 -6.07 21.56
CA ALA A 86 19.71 -4.89 22.10
C ALA A 86 18.82 -3.66 21.99
N TRP A 87 18.09 -3.54 20.88
CA TRP A 87 17.24 -2.36 20.68
C TRP A 87 16.05 -2.37 21.65
N VAL A 88 15.47 -3.56 21.86
CA VAL A 88 14.40 -3.72 22.84
C VAL A 88 14.90 -3.39 24.24
N ASN A 89 16.13 -3.83 24.56
CA ASN A 89 16.68 -3.59 25.88
C ASN A 89 17.24 -2.19 26.06
N THR A 90 17.14 -1.34 25.04
CA THR A 90 17.47 0.06 25.18
C THR A 90 16.18 0.81 25.52
N PRO A 91 16.11 1.49 26.65
CA PRO A 91 14.85 2.16 27.03
C PRO A 91 14.42 3.18 25.99
N LYS A 92 13.10 3.33 25.85
CA LYS A 92 12.54 4.27 24.91
C LYS A 92 13.05 5.69 25.17
N LYS A 93 13.21 6.05 26.45
CA LYS A 93 13.64 7.41 26.77
C LYS A 93 15.09 7.66 26.41
N GLN A 94 15.84 6.61 26.09
CA GLN A 94 17.21 6.73 25.63
C GLN A 94 17.37 6.39 24.15
N GLY A 95 16.27 6.36 23.40
CA GLY A 95 16.33 6.15 21.97
C GLY A 95 16.12 4.72 21.51
N GLY A 96 15.74 3.81 22.41
CA GLY A 96 15.49 2.44 22.05
C GLY A 96 14.00 2.15 21.82
N LEU A 97 13.70 0.87 21.69
CA LEU A 97 12.31 0.45 21.55
C LEU A 97 11.60 0.27 22.88
N GLY A 98 12.32 -0.16 23.91
CA GLY A 98 11.68 -0.57 25.13
C GLY A 98 10.95 -1.88 24.95
N PRO A 99 10.29 -2.35 26.01
CA PRO A 99 9.56 -3.63 25.93
C PRO A 99 8.52 -3.61 24.81
N MET A 100 8.36 -4.77 24.16
CA MET A 100 7.54 -4.90 22.97
C MET A 100 6.39 -5.86 23.24
N ASN A 101 5.24 -5.56 22.61
CA ASN A 101 4.10 -6.46 22.62
C ASN A 101 3.99 -7.30 21.35
N ILE A 102 4.93 -7.14 20.42
CA ILE A 102 4.92 -7.86 19.15
C ILE A 102 6.27 -8.53 18.92
N PRO A 103 6.30 -9.65 18.19
CA PRO A 103 7.59 -10.25 17.82
C PRO A 103 8.28 -9.46 16.73
N LEU A 104 9.62 -9.50 16.74
CA LEU A 104 10.43 -8.88 15.70
C LEU A 104 11.29 -9.95 15.04
N VAL A 105 11.03 -10.20 13.75
CA VAL A 105 11.71 -11.24 12.99
C VAL A 105 13.05 -10.73 12.48
N SER A 106 14.06 -11.60 12.48
CA SER A 106 15.36 -11.31 11.89
C SER A 106 15.47 -12.02 10.54
N ASP A 107 15.84 -11.27 9.50
CA ASP A 107 15.96 -11.75 8.13
C ASP A 107 17.39 -11.53 7.61
N PRO A 108 18.39 -12.12 8.27
CA PRO A 108 19.78 -11.79 7.91
C PRO A 108 20.20 -12.31 6.53
N LYS A 109 19.54 -13.33 6.00
CA LYS A 109 19.86 -13.80 4.66
C LYS A 109 19.10 -13.04 3.58
N ARG A 110 18.22 -12.12 3.96
CA ARG A 110 17.43 -11.26 3.08
C ARG A 110 16.43 -12.05 2.24
N THR A 111 16.25 -13.34 2.51
CA THR A 111 15.36 -14.13 1.65
C THR A 111 13.90 -13.84 1.92
N ILE A 112 13.55 -13.44 3.14
CA ILE A 112 12.15 -13.07 3.41
C ILE A 112 11.82 -11.78 2.69
N ALA A 113 12.70 -10.77 2.80
CA ALA A 113 12.49 -9.52 2.08
C ALA A 113 12.38 -9.76 0.58
N GLN A 114 13.23 -10.64 0.04
CA GLN A 114 13.16 -10.95 -1.38
C GLN A 114 11.85 -11.62 -1.74
N ASP A 115 11.40 -12.57 -0.91
CA ASP A 115 10.14 -13.26 -1.19
C ASP A 115 8.96 -12.30 -1.22
N TYR A 116 9.01 -11.25 -0.40
CA TYR A 116 7.92 -10.28 -0.32
C TYR A 116 8.13 -9.10 -1.28
N GLY A 117 9.21 -9.12 -2.06
CA GLY A 117 9.42 -8.10 -3.08
C GLY A 117 9.80 -6.74 -2.57
N VAL A 118 10.40 -6.65 -1.38
CA VAL A 118 10.65 -5.38 -0.73
C VAL A 118 12.13 -5.16 -0.46
N LEU A 119 13.01 -5.99 -1.00
CA LEU A 119 14.44 -5.75 -0.79
C LEU A 119 14.90 -4.63 -1.70
N LYS A 120 15.54 -3.60 -1.12
CA LYS A 120 16.10 -2.51 -1.90
C LYS A 120 17.46 -2.97 -2.42
N ALA A 121 17.55 -3.20 -3.73
CA ALA A 121 18.75 -3.79 -4.31
C ALA A 121 20.00 -2.96 -4.02
N ASP A 122 21.10 -3.66 -3.76
CA ASP A 122 22.43 -3.06 -3.60
C ASP A 122 22.53 -2.18 -2.37
N GLU A 123 21.46 -2.11 -1.56
CA GLU A 123 21.59 -1.54 -0.24
C GLU A 123 21.34 -2.56 0.86
N GLY A 124 20.88 -3.76 0.52
CA GLY A 124 20.74 -4.82 1.49
C GLY A 124 19.75 -4.55 2.59
N ILE A 125 18.81 -3.63 2.38
CA ILE A 125 17.77 -3.34 3.37
C ILE A 125 16.41 -3.42 2.70
N SER A 126 15.37 -3.54 3.52
CA SER A 126 14.02 -3.59 2.99
C SER A 126 13.40 -2.19 2.94
N PHE A 127 12.52 -1.99 1.95
CA PHE A 127 11.59 -0.88 1.95
C PHE A 127 10.61 -1.04 3.11
N ARG A 128 9.74 -0.04 3.28
CA ARG A 128 8.72 -0.08 4.33
C ARG A 128 7.50 -0.82 3.80
N GLY A 129 7.64 -2.15 3.74
CA GLY A 129 6.56 -3.00 3.23
C GLY A 129 5.66 -3.48 4.37
N LEU A 130 4.36 -3.54 4.09
CA LEU A 130 3.39 -4.02 5.05
C LEU A 130 2.39 -4.90 4.31
N PHE A 131 2.06 -6.05 4.90
CA PHE A 131 1.24 -7.05 4.23
C PHE A 131 0.16 -7.53 5.18
N ILE A 132 -1.06 -7.66 4.66
CA ILE A 132 -2.18 -8.15 5.45
C ILE A 132 -2.55 -9.51 4.90
N ILE A 133 -2.51 -10.52 5.78
CA ILE A 133 -2.71 -11.92 5.46
C ILE A 133 -3.91 -12.40 6.28
N ASP A 134 -4.83 -13.11 5.62
CA ASP A 134 -6.02 -13.50 6.36
C ASP A 134 -5.76 -14.78 7.16
N ASP A 135 -6.80 -15.26 7.83
CA ASP A 135 -6.69 -16.41 8.72
C ASP A 135 -6.48 -17.72 7.98
N LYS A 136 -6.62 -17.73 6.65
CA LYS A 136 -6.30 -18.91 5.85
C LYS A 136 -4.91 -18.81 5.22
N GLY A 137 -4.15 -17.77 5.54
CA GLY A 137 -2.84 -17.59 4.97
C GLY A 137 -2.80 -16.88 3.64
N ILE A 138 -3.92 -16.35 3.17
CA ILE A 138 -4.01 -15.74 1.85
C ILE A 138 -3.65 -14.26 1.97
N LEU A 139 -2.82 -13.78 1.04
CA LEU A 139 -2.46 -12.36 1.03
C LEU A 139 -3.64 -11.51 0.55
N ARG A 140 -4.01 -10.48 1.32
CA ARG A 140 -5.13 -9.62 0.96
C ARG A 140 -4.71 -8.21 0.59
N GLN A 141 -3.56 -7.73 1.06
CA GLN A 141 -3.21 -6.32 0.93
C GLN A 141 -1.70 -6.18 0.88
N ILE A 142 -1.22 -5.32 -0.02
CA ILE A 142 0.20 -4.98 -0.15
C ILE A 142 0.36 -3.47 0.02
N THR A 143 1.27 -3.05 0.90
CA THR A 143 1.64 -1.66 1.09
C THR A 143 3.16 -1.57 1.06
N VAL A 144 3.72 -0.71 0.20
CA VAL A 144 5.18 -0.49 0.22
C VAL A 144 5.45 1.01 0.12
N ASN A 145 6.13 1.55 1.13
CA ASN A 145 6.54 2.95 1.16
C ASN A 145 8.02 3.04 0.89
N ASP A 146 8.42 4.03 0.10
CA ASP A 146 9.82 4.44 0.08
C ASP A 146 10.28 4.81 1.49
N LEU A 147 11.59 4.74 1.73
CA LEU A 147 12.13 4.85 3.09
C LEU A 147 11.73 6.10 3.87
N PRO A 148 11.56 7.29 3.29
CA PRO A 148 11.37 8.50 4.12
C PRO A 148 10.04 8.61 4.84
N VAL A 149 9.02 7.83 4.49
CA VAL A 149 7.65 8.08 4.96
C VAL A 149 7.12 6.84 5.65
N GLY A 150 6.61 7.02 6.88
CA GLY A 150 6.14 5.92 7.68
C GLY A 150 4.67 5.58 7.43
N ARG A 151 4.22 4.56 8.16
CA ARG A 151 2.90 3.97 8.01
C ARG A 151 2.00 4.39 9.15
N SER A 152 0.69 4.14 8.97
CA SER A 152 -0.34 4.55 9.92
C SER A 152 -0.99 3.33 10.53
N VAL A 153 -1.01 3.26 11.87
CA VAL A 153 -1.72 2.18 12.55
C VAL A 153 -3.22 2.27 12.27
N ASP A 154 -3.78 3.49 12.31
CA ASP A 154 -5.19 3.70 11.99
C ASP A 154 -5.56 3.10 10.64
N GLU A 155 -4.76 3.37 9.61
CA GLU A 155 -5.09 2.88 8.28
C GLU A 155 -4.99 1.36 8.24
N THR A 156 -3.99 0.81 8.94
CA THR A 156 -3.84 -0.64 8.99
C THR A 156 -5.04 -1.30 9.67
N LEU A 157 -5.52 -0.71 10.77
CA LEU A 157 -6.72 -1.24 11.43
C LEU A 157 -7.94 -1.13 10.52
N ARG A 158 -8.11 0.01 9.85
CA ARG A 158 -9.23 0.14 8.92
C ARG A 158 -9.23 -0.98 7.90
N LEU A 159 -8.05 -1.31 7.37
CA LEU A 159 -7.92 -2.35 6.36
C LEU A 159 -8.25 -3.72 6.94
N VAL A 160 -7.65 -4.07 8.09
CA VAL A 160 -7.95 -5.37 8.71
C VAL A 160 -9.46 -5.50 8.95
N GLN A 161 -10.06 -4.46 9.52
CA GLN A 161 -11.50 -4.47 9.77
C GLN A 161 -12.29 -4.67 8.47
N ALA A 162 -11.84 -4.05 7.39
CA ALA A 162 -12.60 -4.09 6.14
C ALA A 162 -12.50 -5.46 5.48
N PHE A 163 -11.34 -6.11 5.59
CA PHE A 163 -11.23 -7.46 5.06
C PHE A 163 -12.06 -8.43 5.89
N GLN A 164 -12.11 -8.22 7.20
CA GLN A 164 -12.92 -9.11 8.02
C GLN A 164 -14.41 -8.89 7.76
N PHE A 165 -14.79 -7.64 7.46
CA PHE A 165 -16.18 -7.36 7.09
C PHE A 165 -16.57 -8.09 5.82
N THR A 166 -15.76 -7.98 4.78
CA THR A 166 -16.13 -8.61 3.52
C THR A 166 -16.00 -10.13 3.59
N ASP A 167 -15.22 -10.66 4.53
CA ASP A 167 -15.21 -12.09 4.78
C ASP A 167 -16.58 -12.60 5.22
N LYS A 168 -17.45 -11.72 5.70
CA LYS A 168 -18.75 -12.13 6.21
C LYS A 168 -19.80 -12.33 5.14
N HIS A 169 -19.52 -12.06 3.87
CA HIS A 169 -20.43 -12.47 2.81
C HIS A 169 -19.66 -13.10 1.66
N GLY A 170 -20.38 -13.90 0.87
CA GLY A 170 -19.83 -14.50 -0.33
C GLY A 170 -19.03 -15.76 -0.13
N GLU A 171 -19.03 -16.34 1.07
CA GLU A 171 -18.25 -17.55 1.31
C GLU A 171 -18.88 -18.74 0.57
N VAL A 172 -18.07 -19.45 -0.19
CA VAL A 172 -18.55 -20.55 -1.02
C VAL A 172 -18.55 -21.88 -0.26
N CYS A 173 -17.55 -22.10 0.57
CA CYS A 173 -17.53 -23.27 1.44
C CYS A 173 -18.02 -22.89 2.84
N GLY B 4 5.11 -7.14 -12.88
CA GLY B 4 5.10 -5.84 -13.51
C GLY B 4 6.42 -5.10 -13.45
N ASN B 5 6.40 -3.82 -13.80
CA ASN B 5 7.61 -3.01 -13.84
C ASN B 5 7.57 -1.82 -12.88
N ALA B 6 6.62 -1.79 -11.95
CA ALA B 6 6.52 -0.70 -10.98
C ALA B 6 7.45 -1.01 -9.81
N LYS B 7 8.53 -0.25 -9.68
CA LYS B 7 9.54 -0.48 -8.65
C LYS B 7 9.76 0.82 -7.90
N ILE B 8 9.72 0.77 -6.56
CA ILE B 8 9.97 1.97 -5.77
C ILE B 8 11.34 2.51 -6.10
N GLY B 9 11.42 3.83 -6.32
CA GLY B 9 12.68 4.48 -6.60
C GLY B 9 13.07 4.47 -8.05
N HIS B 10 12.29 3.84 -8.92
CA HIS B 10 12.49 3.84 -10.35
C HIS B 10 11.39 4.62 -11.04
N PRO B 11 11.62 5.10 -12.26
CA PRO B 11 10.55 5.77 -13.01
C PRO B 11 9.31 4.91 -13.09
N ALA B 12 8.17 5.50 -12.77
CA ALA B 12 6.91 4.80 -12.91
C ALA B 12 6.68 4.46 -14.38
N PRO B 13 6.13 3.29 -14.69
CA PRO B 13 5.88 2.93 -16.10
C PRO B 13 5.00 3.97 -16.78
N ASN B 14 5.45 4.45 -17.93
CA ASN B 14 4.62 5.37 -18.69
C ASN B 14 3.45 4.62 -19.31
N PHE B 15 2.42 5.37 -19.68
CA PHE B 15 1.31 4.85 -20.45
C PHE B 15 0.80 5.95 -21.35
N LYS B 16 0.15 5.56 -22.43
CA LYS B 16 -0.63 6.48 -23.26
C LYS B 16 -1.95 5.81 -23.52
N ALA B 17 -3.04 6.46 -23.11
CA ALA B 17 -4.34 5.81 -23.11
C ALA B 17 -5.43 6.86 -23.26
N THR B 18 -6.58 6.42 -23.74
CA THR B 18 -7.74 7.29 -23.85
C THR B 18 -8.40 7.43 -22.49
N ALA B 19 -8.65 8.65 -22.07
CA ALA B 19 -9.37 8.91 -20.82
C ALA B 19 -10.61 9.73 -21.10
N VAL B 20 -11.63 9.57 -20.25
CA VAL B 20 -12.71 10.54 -20.22
C VAL B 20 -12.30 11.65 -19.26
N MET B 21 -12.32 12.87 -19.75
CA MET B 21 -11.79 14.02 -19.01
C MET B 21 -12.91 14.67 -18.20
N PRO B 22 -12.55 15.54 -17.26
CA PRO B 22 -13.59 16.22 -16.45
C PRO B 22 -14.65 16.93 -17.28
N ASP B 23 -14.30 17.47 -18.46
CA ASP B 23 -15.31 18.10 -19.29
C ASP B 23 -16.21 17.12 -20.02
N GLY B 24 -16.02 15.81 -19.80
CA GLY B 24 -16.87 14.82 -20.41
C GLY B 24 -16.46 14.42 -21.82
N GLN B 25 -15.34 14.91 -22.32
CA GLN B 25 -14.82 14.54 -23.63
C GLN B 25 -13.65 13.57 -23.48
N PHE B 26 -13.36 12.85 -24.56
CA PHE B 26 -12.28 11.88 -24.56
C PHE B 26 -10.98 12.55 -25.00
N LYS B 27 -9.88 12.16 -24.35
CA LYS B 27 -8.57 12.67 -24.69
C LYS B 27 -7.54 11.59 -24.42
N ASP B 28 -6.54 11.49 -25.29
CA ASP B 28 -5.43 10.57 -25.06
C ASP B 28 -4.40 11.27 -24.17
N ILE B 29 -4.10 10.68 -23.03
CA ILE B 29 -3.19 11.30 -22.06
C ILE B 29 -2.10 10.30 -21.71
N SER B 30 -0.97 10.85 -21.27
CA SER B 30 0.18 10.05 -20.85
C SER B 30 0.58 10.43 -19.43
N LEU B 31 1.13 9.45 -18.69
CA LEU B 31 1.67 9.76 -17.38
C LEU B 31 2.70 10.87 -17.46
N SER B 32 3.49 10.87 -18.54
CA SER B 32 4.54 11.86 -18.71
C SER B 32 4.00 13.26 -18.95
N ASP B 33 2.71 13.40 -19.32
CA ASP B 33 2.10 14.72 -19.40
C ASP B 33 2.18 15.46 -18.07
N TYR B 34 2.27 14.72 -16.97
CA TYR B 34 2.14 15.30 -15.65
C TYR B 34 3.49 15.45 -14.93
N LYS B 35 4.60 15.31 -15.65
CA LYS B 35 5.90 15.58 -15.04
C LYS B 35 5.92 17.00 -14.52
N GLY B 36 6.54 17.19 -13.35
CA GLY B 36 6.49 18.45 -12.65
C GLY B 36 5.47 18.50 -11.54
N LYS B 37 4.55 17.54 -11.48
CA LYS B 37 3.58 17.45 -10.40
C LYS B 37 3.59 16.04 -9.84
N TYR B 38 3.24 15.91 -8.57
CA TYR B 38 2.95 14.59 -8.03
C TYR B 38 1.72 14.02 -8.73
N VAL B 39 1.64 12.70 -8.78
CA VAL B 39 0.52 12.00 -9.40
C VAL B 39 0.08 10.88 -8.47
N VAL B 40 -1.22 10.77 -8.24
CA VAL B 40 -1.85 9.61 -7.65
C VAL B 40 -2.56 8.88 -8.78
N PHE B 41 -2.07 7.69 -9.12
CA PHE B 41 -2.62 6.88 -10.19
C PHE B 41 -3.28 5.65 -9.55
N PHE B 42 -4.60 5.53 -9.68
CA PHE B 42 -5.27 4.42 -9.02
C PHE B 42 -6.10 3.62 -10.03
N PHE B 43 -6.11 2.31 -9.84
CA PHE B 43 -6.90 1.37 -10.63
C PHE B 43 -8.16 0.98 -9.88
N TYR B 44 -9.25 0.80 -10.61
CA TYR B 44 -10.42 0.17 -10.02
C TYR B 44 -10.89 -0.92 -10.98
N PRO B 45 -11.52 -2.00 -10.47
CA PRO B 45 -11.82 -3.15 -11.33
C PRO B 45 -12.72 -2.84 -12.52
N LEU B 46 -13.96 -2.41 -12.30
CA LEU B 46 -14.90 -2.26 -13.40
C LEU B 46 -15.86 -1.10 -13.15
N ASP B 47 -16.40 -0.56 -14.24
CA ASP B 47 -17.49 0.40 -14.11
C ASP B 47 -18.76 -0.31 -13.66
N PHE B 48 -19.70 0.49 -13.16
CA PHE B 48 -21.02 0.00 -12.74
C PHE B 48 -20.88 -1.14 -11.72
N THR B 49 -20.20 -0.81 -10.64
CA THR B 49 -19.93 -1.68 -9.49
C THR B 49 -20.27 -0.90 -8.23
N PHE B 50 -20.13 -1.52 -7.04
CA PHE B 50 -20.65 -0.87 -5.84
C PHE B 50 -19.60 -0.41 -4.83
N VAL B 51 -18.35 -0.88 -4.90
CA VAL B 51 -17.30 -0.31 -4.06
C VAL B 51 -16.58 0.83 -4.76
N SER B 52 -16.19 0.60 -6.01
CA SER B 52 -15.50 1.62 -6.79
C SER B 52 -16.15 3.00 -6.80
N PRO B 53 -17.48 3.17 -6.91
CA PRO B 53 -18.00 4.54 -6.96
C PRO B 53 -17.72 5.32 -5.69
N THR B 54 -17.73 4.68 -4.53
CA THR B 54 -17.40 5.40 -3.31
C THR B 54 -16.02 6.01 -3.40
N GLU B 55 -15.05 5.24 -3.93
CA GLU B 55 -13.68 5.74 -4.06
C GLU B 55 -13.58 6.83 -5.12
N ILE B 56 -14.13 6.56 -6.30
CA ILE B 56 -14.00 7.50 -7.41
C ILE B 56 -14.63 8.84 -7.05
N ILE B 57 -15.83 8.81 -6.47
CA ILE B 57 -16.51 10.05 -6.10
C ILE B 57 -15.76 10.78 -5.00
N ALA B 58 -15.15 10.04 -4.07
CA ALA B 58 -14.39 10.71 -3.01
C ALA B 58 -13.15 11.40 -3.57
N PHE B 59 -12.40 10.72 -4.44
CA PHE B 59 -11.26 11.40 -5.05
C PHE B 59 -11.69 12.60 -5.89
N SER B 60 -12.80 12.46 -6.62
CA SER B 60 -13.29 13.58 -7.43
C SER B 60 -13.77 14.72 -6.54
N ASP B 61 -14.58 14.40 -5.52
CA ASP B 61 -15.13 15.41 -4.63
C ASP B 61 -14.03 16.20 -3.94
N ARG B 62 -12.94 15.52 -3.57
CA ARG B 62 -11.86 16.14 -2.82
C ARG B 62 -10.68 16.49 -3.71
N ALA B 63 -10.92 16.67 -5.01
CA ALA B 63 -9.82 16.97 -5.91
C ALA B 63 -9.08 18.25 -5.52
N GLU B 64 -9.80 19.23 -4.94
CA GLU B 64 -9.13 20.49 -4.62
C GLU B 64 -8.07 20.32 -3.53
N GLU B 65 -8.25 19.33 -2.65
CA GLU B 65 -7.22 19.06 -1.65
C GLU B 65 -5.95 18.51 -2.31
N PHE B 66 -6.09 17.75 -3.40
CA PHE B 66 -4.90 17.31 -4.13
C PHE B 66 -4.29 18.45 -4.92
N LYS B 67 -5.14 19.34 -5.47
CA LYS B 67 -4.59 20.46 -6.23
C LYS B 67 -3.77 21.38 -5.34
N LYS B 68 -4.20 21.58 -4.09
CA LYS B 68 -3.39 22.39 -3.18
C LYS B 68 -2.06 21.73 -2.85
N LEU B 69 -1.94 20.42 -3.04
CA LEU B 69 -0.67 19.72 -2.98
C LEU B 69 0.01 19.61 -4.33
N ASN B 70 -0.48 20.33 -5.34
CA ASN B 70 0.09 20.26 -6.70
C ASN B 70 0.17 18.80 -7.17
N CYS B 71 -0.93 18.07 -6.96
CA CYS B 71 -0.98 16.64 -7.19
C CYS B 71 -2.16 16.33 -8.12
N GLN B 72 -1.87 15.68 -9.23
CA GLN B 72 -2.89 15.22 -10.17
C GLN B 72 -3.36 13.82 -9.77
N VAL B 73 -4.68 13.63 -9.70
CA VAL B 73 -5.26 12.30 -9.47
C VAL B 73 -5.77 11.76 -10.79
N ILE B 74 -5.49 10.49 -11.06
CA ILE B 74 -5.92 9.82 -12.29
C ILE B 74 -6.45 8.44 -11.92
N GLY B 75 -7.67 8.12 -12.34
CA GLY B 75 -8.21 6.78 -12.14
C GLY B 75 -8.13 5.98 -13.43
N ALA B 76 -8.20 4.65 -13.30
CA ALA B 76 -8.05 3.79 -14.47
C ALA B 76 -8.78 2.48 -14.25
N SER B 77 -9.30 1.92 -15.33
CA SER B 77 -9.92 0.60 -15.29
C SER B 77 -9.84 0.00 -16.69
N VAL B 78 -9.95 -1.34 -16.77
CA VAL B 78 -9.90 -2.00 -18.08
C VAL B 78 -11.13 -1.71 -18.94
N ASP B 79 -12.21 -1.20 -18.35
CA ASP B 79 -13.41 -0.94 -19.14
C ASP B 79 -13.16 0.17 -20.15
N SER B 80 -13.96 0.18 -21.21
CA SER B 80 -13.78 1.16 -22.27
C SER B 80 -14.05 2.57 -21.76
N HIS B 81 -13.45 3.55 -22.45
CA HIS B 81 -13.73 4.93 -22.12
C HIS B 81 -15.21 5.27 -22.34
N PHE B 82 -15.86 4.59 -23.29
CA PHE B 82 -17.30 4.78 -23.47
C PHE B 82 -18.07 4.35 -22.22
N SER B 83 -17.66 3.23 -21.64
CA SER B 83 -18.29 2.76 -20.40
C SER B 83 -18.06 3.77 -19.27
N HIS B 84 -16.84 4.29 -19.17
CA HIS B 84 -16.56 5.31 -18.15
C HIS B 84 -17.54 6.47 -18.29
N LEU B 85 -17.70 6.98 -19.52
CA LEU B 85 -18.58 8.13 -19.73
C LEU B 85 -20.03 7.77 -19.43
N ALA B 86 -20.46 6.56 -19.81
CA ALA B 86 -21.82 6.13 -19.49
C ALA B 86 -22.09 6.18 -17.99
N TRP B 87 -21.09 5.82 -17.18
CA TRP B 87 -21.26 5.86 -15.73
C TRP B 87 -21.26 7.29 -15.21
N VAL B 88 -20.40 8.16 -15.78
CA VAL B 88 -20.42 9.58 -15.45
C VAL B 88 -21.79 10.19 -15.74
N ASN B 89 -22.38 9.82 -16.87
CA ASN B 89 -23.64 10.39 -17.32
C ASN B 89 -24.85 9.76 -16.65
N THR B 90 -24.69 8.67 -15.93
CA THR B 90 -25.79 8.12 -15.15
C THR B 90 -26.09 9.08 -14.01
N PRO B 91 -27.36 9.45 -13.78
CA PRO B 91 -27.66 10.43 -12.73
C PRO B 91 -27.13 9.96 -11.38
N LYS B 92 -26.51 10.89 -10.65
CA LYS B 92 -25.94 10.56 -9.35
C LYS B 92 -27.02 10.02 -8.40
N LYS B 93 -28.22 10.58 -8.46
CA LYS B 93 -29.29 10.14 -7.59
C LYS B 93 -29.72 8.71 -7.88
N GLN B 94 -29.32 8.16 -9.03
CA GLN B 94 -29.67 6.80 -9.41
C GLN B 94 -28.48 5.86 -9.40
N GLY B 95 -27.33 6.29 -8.87
CA GLY B 95 -26.16 5.45 -8.76
C GLY B 95 -25.01 5.81 -9.65
N GLY B 96 -25.10 6.89 -10.42
CA GLY B 96 -24.03 7.25 -11.32
C GLY B 96 -22.89 7.96 -10.61
N LEU B 97 -21.79 8.13 -11.34
CA LEU B 97 -20.67 8.90 -10.80
C LEU B 97 -20.99 10.39 -10.76
N GLY B 98 -21.75 10.88 -11.74
CA GLY B 98 -21.96 12.30 -11.88
C GLY B 98 -20.71 12.98 -12.42
N PRO B 99 -20.74 14.30 -12.54
CA PRO B 99 -19.60 15.03 -13.10
C PRO B 99 -18.32 14.80 -12.29
N MET B 100 -17.22 14.66 -13.01
CA MET B 100 -15.94 14.27 -12.42
C MET B 100 -14.95 15.42 -12.47
N ASN B 101 -14.13 15.52 -11.42
CA ASN B 101 -13.03 16.47 -11.36
C ASN B 101 -11.69 15.84 -11.70
N ILE B 102 -11.68 14.53 -12.00
CA ILE B 102 -10.47 13.79 -12.33
C ILE B 102 -10.68 13.03 -13.63
N PRO B 103 -9.63 12.79 -14.41
CA PRO B 103 -9.76 11.92 -15.59
C PRO B 103 -9.81 10.45 -15.20
N LEU B 104 -10.49 9.67 -16.05
CA LEU B 104 -10.59 8.21 -15.88
C LEU B 104 -10.04 7.52 -17.13
N VAL B 105 -8.92 6.82 -16.98
CA VAL B 105 -8.22 6.15 -18.07
C VAL B 105 -8.88 4.81 -18.37
N SER B 106 -8.87 4.43 -19.67
CA SER B 106 -9.31 3.11 -20.12
C SER B 106 -8.10 2.28 -20.51
N ASP B 107 -8.05 1.05 -19.99
CA ASP B 107 -6.93 0.12 -20.20
C ASP B 107 -7.44 -1.16 -20.88
N PRO B 108 -8.03 -1.05 -22.08
CA PRO B 108 -8.71 -2.23 -22.66
C PRO B 108 -7.77 -3.36 -23.03
N LYS B 109 -6.49 -3.07 -23.30
CA LYS B 109 -5.56 -4.14 -23.61
C LYS B 109 -4.97 -4.79 -22.37
N ARG B 110 -5.26 -4.24 -21.18
CA ARG B 110 -4.76 -4.71 -19.89
C ARG B 110 -3.25 -4.51 -19.72
N THR B 111 -2.59 -3.79 -20.65
CA THR B 111 -1.14 -3.66 -20.56
C THR B 111 -0.72 -2.70 -19.45
N ILE B 112 -1.55 -1.70 -19.15
CA ILE B 112 -1.19 -0.78 -18.07
C ILE B 112 -1.27 -1.48 -16.72
N ALA B 113 -2.35 -2.21 -16.47
CA ALA B 113 -2.44 -2.99 -15.23
C ALA B 113 -1.30 -4.00 -15.14
N GLN B 114 -0.93 -4.62 -16.26
CA GLN B 114 0.20 -5.54 -16.26
C GLN B 114 1.51 -4.81 -15.91
N ASP B 115 1.74 -3.65 -16.52
CA ASP B 115 2.95 -2.89 -16.24
C ASP B 115 3.04 -2.51 -14.77
N TYR B 116 1.90 -2.24 -14.13
CA TYR B 116 1.88 -1.85 -12.73
C TYR B 116 1.73 -3.05 -11.79
N GLY B 117 1.75 -4.26 -12.32
CA GLY B 117 1.72 -5.45 -11.50
C GLY B 117 0.41 -5.70 -10.77
N VAL B 118 -0.70 -5.17 -11.27
CA VAL B 118 -1.97 -5.28 -10.56
C VAL B 118 -3.04 -5.97 -11.39
N LEU B 119 -2.67 -6.68 -12.46
CA LEU B 119 -3.70 -7.39 -13.21
C LEU B 119 -4.03 -8.70 -12.49
N LYS B 120 -5.31 -8.95 -12.25
CA LYS B 120 -5.78 -10.24 -11.76
C LYS B 120 -5.88 -11.15 -12.97
N ALA B 121 -4.87 -11.98 -13.17
CA ALA B 121 -4.67 -12.64 -14.46
C ALA B 121 -5.84 -13.56 -14.83
N ASP B 122 -6.43 -14.22 -13.84
CA ASP B 122 -7.47 -15.19 -14.17
C ASP B 122 -8.82 -14.56 -14.48
N GLU B 123 -8.94 -13.24 -14.40
CA GLU B 123 -10.19 -12.57 -14.68
C GLU B 123 -10.06 -11.34 -15.57
N GLY B 124 -8.86 -10.81 -15.79
CA GLY B 124 -8.69 -9.73 -16.74
C GLY B 124 -9.07 -8.36 -16.25
N ILE B 125 -9.13 -8.16 -14.93
CA ILE B 125 -9.42 -6.86 -14.34
C ILE B 125 -8.29 -6.55 -13.37
N SER B 126 -8.16 -5.26 -13.06
CA SER B 126 -7.13 -4.87 -12.12
C SER B 126 -7.61 -5.03 -10.69
N PHE B 127 -6.70 -5.39 -9.80
CA PHE B 127 -6.89 -5.21 -8.36
C PHE B 127 -6.98 -3.71 -8.06
N ARG B 128 -7.23 -3.37 -6.80
CA ARG B 128 -7.31 -1.96 -6.38
C ARG B 128 -5.91 -1.44 -6.07
N GLY B 129 -5.16 -1.17 -7.14
CA GLY B 129 -3.81 -0.65 -6.99
C GLY B 129 -3.82 0.87 -6.98
N LEU B 130 -3.00 1.45 -6.12
CA LEU B 130 -2.83 2.89 -6.06
C LEU B 130 -1.34 3.18 -5.97
N PHE B 131 -0.88 4.17 -6.74
CA PHE B 131 0.53 4.45 -6.88
C PHE B 131 0.77 5.93 -6.72
N ILE B 132 1.78 6.31 -5.94
CA ILE B 132 2.14 7.70 -5.74
C ILE B 132 3.45 7.94 -6.46
N ILE B 133 3.43 8.87 -7.42
CA ILE B 133 4.54 9.14 -8.32
C ILE B 133 4.96 10.59 -8.10
N ASP B 134 6.26 10.82 -7.93
CA ASP B 134 6.65 12.18 -7.58
C ASP B 134 6.78 13.03 -8.85
N ASP B 135 7.14 14.31 -8.66
CA ASP B 135 7.17 15.28 -9.75
C ASP B 135 8.28 15.00 -10.75
N LYS B 136 9.23 14.14 -10.43
CA LYS B 136 10.21 13.69 -11.40
C LYS B 136 9.83 12.38 -12.07
N GLY B 137 8.64 11.86 -11.80
CA GLY B 137 8.24 10.60 -12.40
C GLY B 137 8.64 9.35 -11.66
N ILE B 138 9.23 9.47 -10.47
CA ILE B 138 9.75 8.32 -9.73
C ILE B 138 8.64 7.75 -8.84
N LEU B 139 8.48 6.43 -8.84
CA LEU B 139 7.46 5.81 -8.00
C LEU B 139 7.88 5.85 -6.54
N ARG B 140 6.99 6.34 -5.67
CA ARG B 140 7.29 6.47 -4.25
C ARG B 140 6.51 5.55 -3.34
N GLN B 141 5.35 5.03 -3.78
CA GLN B 141 4.47 4.31 -2.87
C GLN B 141 3.61 3.36 -3.69
N ILE B 142 3.44 2.14 -3.18
CA ILE B 142 2.61 1.11 -3.80
C ILE B 142 1.55 0.68 -2.80
N THR B 143 0.30 0.68 -3.24
CA THR B 143 -0.83 0.17 -2.45
C THR B 143 -1.64 -0.76 -3.34
N VAL B 144 -1.88 -2.00 -2.91
CA VAL B 144 -2.75 -2.92 -3.67
C VAL B 144 -3.69 -3.59 -2.69
N ASN B 145 -5.00 -3.40 -2.91
CA ASN B 145 -6.04 -4.07 -2.13
C ASN B 145 -6.71 -5.14 -2.97
N ASP B 146 -7.09 -6.24 -2.32
CA ASP B 146 -7.97 -7.22 -2.96
C ASP B 146 -9.27 -6.53 -3.39
N LEU B 147 -9.98 -7.16 -4.35
CA LEU B 147 -11.17 -6.56 -4.94
C LEU B 147 -12.21 -5.98 -3.98
N PRO B 148 -12.50 -6.56 -2.81
CA PRO B 148 -13.66 -6.07 -2.05
C PRO B 148 -13.42 -4.84 -1.18
N VAL B 149 -12.19 -4.39 -0.99
CA VAL B 149 -11.89 -3.43 0.08
C VAL B 149 -11.35 -2.14 -0.53
N GLY B 150 -12.01 -1.03 -0.20
CA GLY B 150 -11.68 0.25 -0.79
C GLY B 150 -10.55 0.98 -0.08
N ARG B 151 -10.15 2.09 -0.68
CA ARG B 151 -9.05 2.93 -0.24
C ARG B 151 -9.56 4.20 0.42
N SER B 152 -8.63 4.91 1.07
CA SER B 152 -8.93 6.09 1.87
C SER B 152 -8.27 7.31 1.25
N VAL B 153 -9.08 8.34 0.94
CA VAL B 153 -8.50 9.59 0.47
C VAL B 153 -7.66 10.25 1.57
N ASP B 154 -8.12 10.18 2.82
CA ASP B 154 -7.33 10.73 3.93
C ASP B 154 -5.92 10.15 3.94
N GLU B 155 -5.82 8.83 3.82
CA GLU B 155 -4.51 8.17 3.86
C GLU B 155 -3.67 8.59 2.67
N THR B 156 -4.29 8.69 1.50
CA THR B 156 -3.56 9.08 0.29
C THR B 156 -3.02 10.49 0.42
N LEU B 157 -3.83 11.41 0.97
CA LEU B 157 -3.34 12.77 1.19
C LEU B 157 -2.20 12.78 2.19
N ARG B 158 -2.32 11.98 3.26
CA ARG B 158 -1.24 11.92 4.24
C ARG B 158 0.07 11.54 3.57
N LEU B 159 0.03 10.51 2.71
CA LEU B 159 1.24 10.03 2.05
C LEU B 159 1.79 11.07 1.07
N VAL B 160 0.94 11.64 0.22
CA VAL B 160 1.42 12.62 -0.75
C VAL B 160 2.12 13.77 -0.03
N GLN B 161 1.47 14.34 0.97
CA GLN B 161 2.05 15.46 1.71
C GLN B 161 3.36 15.07 2.38
N ALA B 162 3.40 13.88 3.00
CA ALA B 162 4.61 13.46 3.70
C ALA B 162 5.78 13.26 2.74
N PHE B 163 5.53 12.70 1.55
CA PHE B 163 6.62 12.55 0.58
C PHE B 163 7.13 13.91 0.13
N GLN B 164 6.23 14.86 -0.09
CA GLN B 164 6.66 16.18 -0.51
C GLN B 164 7.47 16.86 0.58
N PHE B 165 7.04 16.72 1.84
CA PHE B 165 7.82 17.30 2.94
C PHE B 165 9.21 16.70 3.02
N THR B 166 9.33 15.37 2.90
CA THR B 166 10.65 14.78 2.98
C THR B 166 11.48 15.10 1.74
N ASP B 167 10.83 15.33 0.60
CA ASP B 167 11.53 15.79 -0.60
C ASP B 167 12.23 17.12 -0.36
N LYS B 168 11.56 18.02 0.36
CA LYS B 168 11.95 19.41 0.46
C LYS B 168 12.88 19.70 1.61
N HIS B 169 13.01 18.75 2.55
CA HIS B 169 13.74 19.02 3.79
C HIS B 169 15.13 19.57 3.52
N GLY B 170 15.84 19.02 2.53
CA GLY B 170 17.24 19.33 2.29
C GLY B 170 17.52 20.63 1.56
N GLU B 171 16.49 21.28 1.02
CA GLU B 171 16.65 22.57 0.36
C GLU B 171 16.10 23.72 1.17
N VAL B 172 15.61 23.46 2.39
CA VAL B 172 15.04 24.49 3.23
C VAL B 172 16.14 25.48 3.64
N CYS B 173 15.76 26.75 3.74
CA CYS B 173 16.69 27.79 4.17
C CYS B 173 17.36 27.38 5.49
N PRO B 174 18.70 27.49 5.58
CA PRO B 174 19.40 27.00 6.79
C PRO B 174 19.45 28.01 7.92
N ALA B 175 18.51 28.95 7.95
CA ALA B 175 18.39 29.86 9.08
C ALA B 175 17.64 29.19 10.24
#